data_3RE1
#
_entry.id   3RE1
#
_cell.length_a   37.668
_cell.length_b   67.455
_cell.length_c   112.035
_cell.angle_alpha   90.00
_cell.angle_beta   94.37
_cell.angle_gamma   90.00
#
_symmetry.space_group_name_H-M   'P 1 21 1'
#
loop_
_entity.id
_entity.type
_entity.pdbx_description
1 polymer 'Uroporphyrinogen-III synthetase'
2 water water
#
_entity_poly.entity_id   1
_entity_poly.type   'polypeptide(L)'
_entity_poly.pdbx_seq_one_letter_code
;MSHHHHHHSMDMSAWRLLLTRPAEESAALARVLADAGIFSSSLPLLETEPLPLTPAQRSIIFELLNYSAVIVVSKPAARL
AIELIDEVWPQPPMQPWFSVGSATGQILLDYGLDASWPEQGDDSEALLDHPRLKQAIAVPGSRVLIMRGNEGRELLAEQL
RERGVGVDYLPLYRRYLPQHAPGTLLQRVEVERLNGLVVSSGQGFEHLLQLAGDSWPDLAGLPLFVPSPRVASLAQAAGA
RNVIDCRGASAAALLAALRDQPQPAVKAY
;
_entity_poly.pdbx_strand_id   A,B
#
# COMPACT_ATOMS: atom_id res chain seq x y z
N SER A 13 30.10 -24.87 -5.55
CA SER A 13 30.52 -25.84 -6.59
C SER A 13 29.69 -27.12 -6.47
N ALA A 14 29.37 -27.49 -5.24
CA ALA A 14 28.47 -28.62 -5.00
C ALA A 14 27.00 -28.19 -5.11
N TRP A 15 26.76 -26.95 -5.57
CA TRP A 15 25.41 -26.39 -5.71
C TRP A 15 24.93 -26.53 -7.14
N ARG A 16 23.80 -27.18 -7.29
CA ARG A 16 23.22 -27.42 -8.60
C ARG A 16 21.91 -26.68 -8.55
N LEU A 17 21.99 -25.37 -8.77
CA LEU A 17 20.84 -24.49 -8.61
C LEU A 17 19.79 -24.60 -9.69
N LEU A 18 18.56 -24.28 -9.32
CA LEU A 18 17.46 -24.21 -10.27
C LEU A 18 17.19 -22.71 -10.37
N LEU A 19 16.94 -22.22 -11.58
CA LEU A 19 16.71 -20.81 -11.83
C LEU A 19 15.36 -20.73 -12.42
N THR A 20 14.57 -19.77 -11.92
CA THR A 20 13.18 -19.63 -12.34
C THR A 20 12.78 -18.34 -13.08
N ARG A 21 13.71 -17.39 -13.18
CA ARG A 21 13.39 -16.14 -13.87
C ARG A 21 13.25 -16.28 -15.41
N PRO A 22 12.96 -15.16 -16.11
CA PRO A 22 12.81 -15.13 -17.58
C PRO A 22 13.96 -15.74 -18.35
N ALA A 23 13.63 -16.27 -19.53
CA ALA A 23 14.58 -16.92 -20.43
C ALA A 23 15.94 -16.25 -20.58
N GLU A 24 15.95 -15.00 -21.07
CA GLU A 24 17.21 -14.30 -21.28
C GLU A 24 17.89 -13.98 -19.98
N GLU A 25 17.09 -13.61 -18.98
CA GLU A 25 17.61 -13.25 -17.68
C GLU A 25 18.42 -14.35 -17.04
N SER A 26 17.88 -15.57 -16.99
CA SER A 26 18.62 -16.69 -16.37
C SER A 26 19.73 -17.13 -17.29
N ALA A 27 19.47 -17.12 -18.59
CA ALA A 27 20.50 -17.53 -19.55
C ALA A 27 21.80 -16.77 -19.25
N ALA A 28 21.69 -15.49 -18.88
CA ALA A 28 22.85 -14.69 -18.51
C ALA A 28 23.32 -15.06 -17.12
N LEU A 29 22.36 -15.22 -16.22
CA LEU A 29 22.66 -15.62 -14.86
C LEU A 29 23.35 -16.97 -14.94
N ALA A 30 22.86 -17.82 -15.83
CA ALA A 30 23.39 -19.17 -16.00
C ALA A 30 24.86 -19.07 -16.37
N ARG A 31 25.17 -18.13 -17.26
CA ARG A 31 26.54 -17.86 -17.68
C ARG A 31 27.43 -17.44 -16.49
N VAL A 32 27.15 -16.28 -15.88
CA VAL A 32 27.99 -15.80 -14.79
C VAL A 32 28.17 -16.85 -13.70
N LEU A 33 27.15 -17.70 -13.55
CA LEU A 33 27.19 -18.77 -12.58
C LEU A 33 28.13 -19.86 -13.10
N ALA A 34 27.97 -20.23 -14.36
CA ALA A 34 28.79 -21.29 -15.00
C ALA A 34 30.28 -20.97 -14.86
N ASP A 35 30.68 -19.81 -15.35
CA ASP A 35 32.09 -19.39 -15.30
C ASP A 35 32.53 -19.07 -13.87
N ALA A 36 31.76 -19.54 -12.89
CA ALA A 36 32.10 -19.33 -11.50
C ALA A 36 32.14 -20.68 -10.83
N GLY A 37 31.97 -21.73 -11.63
CA GLY A 37 32.11 -23.10 -11.13
C GLY A 37 30.88 -23.65 -10.41
N ILE A 38 29.71 -23.22 -10.90
CA ILE A 38 28.43 -23.66 -10.35
C ILE A 38 27.46 -24.01 -11.49
N PHE A 39 26.93 -25.23 -11.45
CA PHE A 39 25.97 -25.68 -12.46
C PHE A 39 24.60 -25.09 -12.16
N SER A 40 23.74 -25.07 -13.16
CA SER A 40 22.37 -24.62 -12.94
C SER A 40 21.53 -25.08 -14.11
N SER A 41 20.24 -25.17 -13.92
CA SER A 41 19.34 -25.48 -15.00
C SER A 41 18.20 -24.46 -14.94
N SER A 42 17.82 -23.95 -16.10
CA SER A 42 16.81 -22.94 -16.11
C SER A 42 15.46 -23.45 -16.53
N LEU A 43 14.49 -23.17 -15.67
CA LEU A 43 13.08 -23.43 -15.95
C LEU A 43 12.31 -22.10 -15.73
N PRO A 44 12.16 -21.27 -16.80
CA PRO A 44 11.54 -19.96 -16.73
C PRO A 44 10.09 -19.99 -16.23
N LEU A 45 9.81 -19.19 -15.20
CA LEU A 45 8.49 -19.13 -14.61
C LEU A 45 7.80 -17.82 -14.95
N LEU A 46 8.59 -16.80 -15.26
CA LEU A 46 8.05 -15.49 -15.68
C LEU A 46 8.46 -15.10 -17.07
N GLU A 47 7.56 -14.44 -17.76
CA GLU A 47 7.87 -13.87 -19.04
C GLU A 47 7.29 -12.47 -19.09
N THR A 48 7.97 -11.56 -19.79
CA THR A 48 7.52 -10.17 -19.88
C THR A 48 6.78 -9.93 -21.19
N GLU A 49 5.48 -9.69 -21.11
CA GLU A 49 4.69 -9.44 -22.33
C GLU A 49 4.18 -7.99 -22.49
N PRO A 50 4.60 -7.29 -23.57
CA PRO A 50 4.17 -5.91 -23.78
C PRO A 50 2.67 -5.81 -23.92
N LEU A 51 2.14 -4.64 -23.57
CA LEU A 51 0.70 -4.39 -23.62
C LEU A 51 0.29 -3.36 -24.67
N PRO A 52 -0.91 -3.53 -25.25
CA PRO A 52 -1.49 -2.55 -26.20
C PRO A 52 -2.28 -1.47 -25.45
N LEU A 53 -1.88 -0.19 -25.61
CA LEU A 53 -2.40 0.88 -24.73
C LEU A 53 -2.96 2.20 -25.27
N THR A 54 -3.16 2.35 -26.57
CA THR A 54 -3.54 3.67 -27.15
C THR A 54 -4.90 4.35 -26.82
N PRO A 55 -5.89 3.59 -26.28
CA PRO A 55 -7.21 4.20 -26.05
C PRO A 55 -7.18 5.52 -25.28
N ALA A 56 -6.61 5.48 -24.09
CA ALA A 56 -6.52 6.65 -23.23
C ALA A 56 -5.06 6.75 -22.77
N GLN A 57 -4.37 5.62 -22.81
CA GLN A 57 -2.98 5.54 -22.38
C GLN A 57 -2.08 6.15 -23.44
N ARG A 58 -2.66 6.53 -24.57
CA ARG A 58 -1.87 7.21 -25.57
C ARG A 58 -1.90 8.70 -25.29
N SER A 59 -3.04 9.14 -24.75
CA SER A 59 -3.22 10.56 -24.43
C SER A 59 -2.49 10.89 -23.16
N ILE A 60 -2.42 9.93 -22.25
CA ILE A 60 -1.71 10.18 -21.01
C ILE A 60 -0.24 10.45 -21.35
N ILE A 61 0.28 9.72 -22.33
CA ILE A 61 1.64 9.94 -22.80
C ILE A 61 1.86 11.36 -23.32
N PHE A 62 0.95 11.86 -24.15
CA PHE A 62 1.03 13.24 -24.65
C PHE A 62 0.93 14.30 -23.53
N GLU A 63 0.13 14.02 -22.50
CA GLU A 63 0.01 14.97 -21.38
C GLU A 63 0.89 14.72 -20.16
N LEU A 64 2.02 14.03 -20.35
CA LEU A 64 2.97 13.71 -19.27
C LEU A 64 3.28 14.90 -18.40
N LEU A 65 3.19 16.09 -18.97
CA LEU A 65 3.45 17.30 -18.21
C LEU A 65 2.43 17.54 -17.14
N ASN A 66 1.29 16.86 -17.23
CA ASN A 66 0.28 16.93 -16.17
C ASN A 66 0.86 16.52 -14.81
N TYR A 67 1.91 15.72 -14.86
CA TYR A 67 2.55 15.25 -13.65
C TYR A 67 3.80 16.07 -13.36
N SER A 68 4.12 16.18 -12.07
CA SER A 68 5.30 16.83 -11.60
C SER A 68 6.47 15.90 -11.70
N ALA A 69 6.21 14.59 -11.66
CA ALA A 69 7.29 13.60 -11.71
C ALA A 69 6.84 12.27 -12.24
N VAL A 70 7.77 11.58 -12.91
CA VAL A 70 7.52 10.27 -13.44
C VAL A 70 8.50 9.29 -12.83
N ILE A 71 7.98 8.22 -12.24
CA ILE A 71 8.78 7.15 -11.64
C ILE A 71 8.65 5.87 -12.48
N VAL A 72 9.77 5.25 -12.77
CA VAL A 72 9.76 4.00 -13.55
C VAL A 72 10.38 2.90 -12.66
N VAL A 73 9.69 1.80 -12.54
CA VAL A 73 10.08 0.79 -11.55
C VAL A 73 10.92 -0.39 -12.03
N SER A 74 10.73 -0.82 -13.27
CA SER A 74 11.48 -1.95 -13.83
C SER A 74 12.14 -1.58 -15.16
N LYS A 75 13.10 -2.40 -15.57
CA LYS A 75 13.77 -2.23 -16.87
C LYS A 75 12.74 -2.47 -17.98
N PRO A 76 11.87 -3.49 -17.81
CA PRO A 76 10.82 -3.68 -18.83
C PRO A 76 9.98 -2.39 -18.99
N ALA A 77 9.65 -1.73 -17.88
CA ALA A 77 8.86 -0.48 -17.92
C ALA A 77 9.63 0.63 -18.65
N ALA A 78 10.86 0.88 -18.21
CA ALA A 78 11.71 1.87 -18.85
C ALA A 78 11.81 1.69 -20.38
N ARG A 79 11.96 0.45 -20.83
CA ARG A 79 12.10 0.21 -22.23
C ARG A 79 10.82 0.43 -22.98
N LEU A 80 9.69 0.02 -22.42
CA LEU A 80 8.43 0.19 -23.11
C LEU A 80 8.04 1.65 -23.07
N ALA A 81 8.60 2.37 -22.10
CA ALA A 81 8.28 3.77 -21.88
C ALA A 81 8.94 4.55 -22.97
N ILE A 82 10.26 4.40 -23.11
CA ILE A 82 11.03 5.07 -24.16
C ILE A 82 10.36 4.93 -25.55
N GLU A 83 9.86 3.74 -25.83
CA GLU A 83 9.21 3.47 -27.09
C GLU A 83 7.92 4.24 -27.31
N LEU A 84 7.26 4.61 -26.23
CA LEU A 84 6.03 5.39 -26.35
C LEU A 84 6.32 6.90 -26.49
N ILE A 85 7.21 7.41 -25.64
CA ILE A 85 7.67 8.79 -25.71
C ILE A 85 8.16 9.08 -27.13
N ASP A 86 9.12 8.30 -27.59
CA ASP A 86 9.73 8.53 -28.89
C ASP A 86 8.71 8.57 -30.01
N GLU A 87 7.59 7.93 -29.80
CA GLU A 87 6.57 7.91 -30.82
C GLU A 87 5.73 9.18 -30.85
N VAL A 88 5.41 9.73 -29.68
CA VAL A 88 4.54 10.91 -29.57
C VAL A 88 5.31 12.24 -29.37
N TRP A 89 6.38 12.20 -28.59
CA TRP A 89 7.22 13.37 -28.35
C TRP A 89 8.33 13.53 -29.38
N PRO A 90 8.29 14.60 -30.19
CA PRO A 90 9.38 14.83 -31.14
C PRO A 90 10.72 15.02 -30.41
N GLN A 91 10.64 15.21 -29.09
CA GLN A 91 11.81 15.35 -28.24
C GLN A 91 11.45 14.84 -26.85
N PRO A 92 12.46 14.49 -26.06
CA PRO A 92 12.19 13.99 -24.71
C PRO A 92 11.60 15.06 -23.81
N PRO A 93 10.68 14.68 -22.89
CA PRO A 93 10.06 15.62 -21.95
C PRO A 93 11.03 16.29 -21.00
N MET A 94 10.84 17.57 -20.75
CA MET A 94 11.66 18.30 -19.79
C MET A 94 11.04 18.23 -18.40
N GLN A 95 10.96 17.03 -17.85
CA GLN A 95 10.40 16.87 -16.51
C GLN A 95 11.22 15.84 -15.73
N PRO A 96 11.19 15.95 -14.37
CA PRO A 96 11.93 15.01 -13.50
C PRO A 96 11.42 13.60 -13.63
N TRP A 97 12.36 12.68 -13.82
CA TRP A 97 12.09 11.26 -13.95
C TRP A 97 12.98 10.57 -12.94
N PHE A 98 12.47 9.49 -12.32
CA PHE A 98 13.25 8.78 -11.32
C PHE A 98 13.15 7.29 -11.49
N SER A 99 14.10 6.58 -10.87
CA SER A 99 14.11 5.10 -10.82
C SER A 99 14.67 4.64 -9.48
N VAL A 100 14.44 3.38 -9.14
CA VAL A 100 14.96 2.83 -7.89
C VAL A 100 16.44 2.52 -8.08
N GLY A 101 16.75 1.74 -9.12
CA GLY A 101 18.14 1.40 -9.40
C GLY A 101 18.77 2.18 -10.55
N SER A 102 20.10 2.20 -10.58
CA SER A 102 20.84 2.86 -11.65
C SER A 102 20.75 2.09 -12.97
N ALA A 103 20.33 0.84 -12.87
CA ALA A 103 20.26 -0.04 -14.02
C ALA A 103 19.17 0.45 -14.93
N THR A 104 18.02 0.78 -14.34
CA THR A 104 16.87 1.27 -15.09
C THR A 104 17.10 2.75 -15.39
N GLY A 105 17.79 3.40 -14.47
CA GLY A 105 18.04 4.82 -14.58
C GLY A 105 18.86 5.21 -15.79
N GLN A 106 19.90 4.40 -16.08
CA GLN A 106 20.75 4.66 -17.23
C GLN A 106 19.97 4.49 -18.51
N ILE A 107 19.07 3.51 -18.52
CA ILE A 107 18.26 3.27 -19.70
C ILE A 107 17.52 4.55 -20.10
N LEU A 108 16.87 5.18 -19.12
CA LEU A 108 16.15 6.46 -19.31
C LEU A 108 17.12 7.61 -19.63
N LEU A 109 18.24 7.62 -18.91
CA LEU A 109 19.25 8.64 -19.08
C LEU A 109 19.82 8.60 -20.51
N ASP A 110 19.99 7.40 -21.07
CA ASP A 110 20.50 7.29 -22.42
C ASP A 110 19.60 7.94 -23.46
N TYR A 111 18.28 7.83 -23.28
CA TYR A 111 17.35 8.39 -24.27
C TYR A 111 17.20 9.90 -24.11
N GLY A 112 17.94 10.46 -23.15
CA GLY A 112 17.90 11.88 -22.90
C GLY A 112 16.85 12.38 -21.91
N LEU A 113 16.41 11.51 -21.01
CA LEU A 113 15.45 11.96 -20.00
C LEU A 113 16.21 12.45 -18.77
N ASP A 114 15.63 13.43 -18.11
CA ASP A 114 16.22 14.02 -16.95
C ASP A 114 15.96 13.12 -15.74
N ALA A 115 16.49 11.91 -15.81
CA ALA A 115 16.34 10.90 -14.75
C ALA A 115 17.43 10.96 -13.68
N SER A 116 17.07 10.53 -12.47
CA SER A 116 17.98 10.46 -11.34
C SER A 116 17.52 9.29 -10.47
N TRP A 117 18.37 8.88 -9.54
CA TRP A 117 18.04 7.77 -8.67
C TRP A 117 18.93 7.86 -7.44
N PRO A 118 18.55 7.17 -6.34
CA PRO A 118 19.31 7.10 -5.07
C PRO A 118 20.76 6.64 -5.26
N ALA A 126 16.19 5.87 0.53
CA ALA A 126 14.91 5.64 -0.15
C ALA A 126 14.74 6.63 -1.29
N LEU A 127 13.93 6.25 -2.28
CA LEU A 127 13.63 7.13 -3.40
C LEU A 127 12.83 8.28 -2.85
N LEU A 128 11.98 7.94 -1.88
CA LEU A 128 11.09 8.89 -1.23
C LEU A 128 11.85 10.06 -0.63
N ASP A 129 13.08 9.80 -0.20
CA ASP A 129 13.91 10.85 0.39
C ASP A 129 14.81 11.60 -0.60
N HIS A 130 14.77 11.21 -1.87
CA HIS A 130 15.62 11.83 -2.87
C HIS A 130 15.21 13.29 -3.05
N PRO A 131 16.09 14.24 -2.69
CA PRO A 131 15.81 15.70 -2.72
C PRO A 131 15.18 16.13 -4.03
N ARG A 132 15.83 15.68 -5.10
CA ARG A 132 15.38 15.97 -6.43
C ARG A 132 13.88 15.69 -6.51
N LEU A 133 13.48 14.52 -5.98
CA LEU A 133 12.09 14.10 -5.99
C LEU A 133 11.24 14.94 -5.07
N LYS A 134 11.73 15.22 -3.87
CA LYS A 134 10.98 16.05 -2.94
C LYS A 134 10.60 17.40 -3.55
N GLN A 135 11.50 18.03 -4.28
CA GLN A 135 11.24 19.35 -4.90
C GLN A 135 10.10 19.31 -5.93
N ALA A 136 10.10 18.29 -6.77
CA ALA A 136 9.08 18.18 -7.78
C ALA A 136 7.72 17.89 -7.14
N ILE A 137 7.75 17.35 -5.92
CA ILE A 137 6.58 16.95 -5.14
C ILE A 137 6.17 18.05 -4.17
N ALA A 138 7.04 19.03 -3.95
CA ALA A 138 6.88 20.02 -2.93
C ALA A 138 5.98 21.17 -3.36
N VAL A 139 4.72 20.84 -3.60
CA VAL A 139 3.74 21.81 -4.00
C VAL A 139 2.48 21.13 -3.52
N PRO A 140 1.35 21.84 -3.49
CA PRO A 140 0.12 21.14 -3.13
C PRO A 140 -0.62 20.88 -4.44
N GLY A 141 -1.11 19.66 -4.62
CA GLY A 141 -1.83 19.34 -5.83
C GLY A 141 -0.97 18.63 -6.86
N SER A 142 0.32 18.51 -6.60
CA SER A 142 1.19 17.83 -7.53
C SER A 142 0.96 16.29 -7.52
N ARG A 143 1.09 15.68 -8.70
CA ARG A 143 0.85 14.25 -8.86
C ARG A 143 2.07 13.58 -9.49
N VAL A 144 2.17 12.26 -9.32
CA VAL A 144 3.29 11.54 -9.92
C VAL A 144 2.76 10.38 -10.72
N LEU A 145 3.42 10.06 -11.81
CA LEU A 145 2.97 8.97 -12.67
C LEU A 145 3.95 7.86 -12.51
N ILE A 146 3.45 6.65 -12.31
CA ILE A 146 4.34 5.50 -12.07
C ILE A 146 4.13 4.53 -13.21
N MET A 147 5.20 4.26 -13.93
CA MET A 147 5.12 3.32 -15.05
C MET A 147 5.64 1.97 -14.57
N ARG A 148 4.81 0.93 -14.74
CA ARG A 148 5.18 -0.37 -14.28
C ARG A 148 4.38 -1.47 -14.95
N GLY A 149 4.40 -2.65 -14.32
CA GLY A 149 3.67 -3.83 -14.79
C GLY A 149 2.18 -3.74 -14.57
N ASN A 150 1.50 -4.85 -14.83
CA ASN A 150 0.06 -4.96 -14.69
C ASN A 150 -0.32 -4.92 -13.22
N GLU A 151 0.68 -5.07 -12.36
CA GLU A 151 0.49 -5.09 -10.93
C GLU A 151 1.89 -4.96 -10.32
N GLY A 152 1.97 -4.54 -9.06
CA GLY A 152 3.28 -4.39 -8.43
C GLY A 152 3.17 -4.01 -6.97
N ARG A 153 4.32 -3.68 -6.39
CA ARG A 153 4.37 -3.24 -5.00
C ARG A 153 3.62 -1.93 -4.87
N GLU A 154 2.81 -1.81 -3.82
CA GLU A 154 2.03 -0.59 -3.61
C GLU A 154 2.67 0.37 -2.61
N LEU A 155 3.82 -0.04 -2.08
CA LEU A 155 4.50 0.72 -1.04
C LEU A 155 4.78 2.18 -1.43
N LEU A 156 5.45 2.35 -2.56
CA LEU A 156 5.80 3.69 -3.04
C LEU A 156 4.61 4.62 -3.22
N ALA A 157 3.59 4.15 -3.95
CA ALA A 157 2.38 4.89 -4.15
C ALA A 157 1.70 5.24 -2.83
N GLU A 158 1.67 4.29 -1.90
CA GLU A 158 1.02 4.49 -0.60
C GLU A 158 1.79 5.50 0.24
N GLN A 159 3.10 5.43 0.15
CA GLN A 159 3.93 6.43 0.85
C GLN A 159 3.69 7.85 0.24
N LEU A 160 3.68 7.94 -1.09
CA LEU A 160 3.40 9.18 -1.73
C LEU A 160 2.00 9.74 -1.35
N ARG A 161 0.95 8.93 -1.49
CA ARG A 161 -0.38 9.39 -1.17
C ARG A 161 -0.48 9.84 0.28
N GLU A 162 0.16 9.09 1.19
CA GLU A 162 0.15 9.47 2.60
C GLU A 162 0.63 10.91 2.78
N ARG A 163 1.63 11.34 2.01
CA ARG A 163 2.17 12.68 2.20
C ARG A 163 1.46 13.71 1.31
N GLY A 164 0.32 13.29 0.74
CA GLY A 164 -0.53 14.20 -0.01
C GLY A 164 -0.19 14.36 -1.47
N VAL A 165 0.49 13.37 -2.01
CA VAL A 165 0.85 13.41 -3.41
C VAL A 165 0.02 12.37 -4.18
N GLY A 166 -0.68 12.84 -5.20
CA GLY A 166 -1.48 11.95 -6.00
C GLY A 166 -0.57 11.06 -6.84
N VAL A 167 -1.02 9.84 -7.07
CA VAL A 167 -0.27 8.87 -7.83
C VAL A 167 -1.20 8.08 -8.75
N ASP A 168 -0.81 8.00 -10.02
CA ASP A 168 -1.53 7.21 -11.02
C ASP A 168 -0.58 6.20 -11.66
N TYR A 169 -1.13 5.16 -12.25
CA TYR A 169 -0.30 4.11 -12.82
C TYR A 169 -0.48 4.05 -14.30
N LEU A 170 0.57 3.61 -14.99
CA LEU A 170 0.54 3.43 -16.42
C LEU A 170 1.14 2.06 -16.66
N PRO A 171 0.31 1.02 -16.66
CA PRO A 171 0.80 -0.34 -16.87
C PRO A 171 1.29 -0.55 -18.31
N LEU A 172 2.59 -0.73 -18.48
CA LEU A 172 3.18 -0.93 -19.80
C LEU A 172 3.34 -2.39 -20.24
N TYR A 173 3.05 -3.33 -19.35
CA TYR A 173 3.20 -4.74 -19.68
C TYR A 173 2.58 -5.66 -18.62
N ARG A 174 2.63 -6.96 -18.90
CA ARG A 174 2.03 -7.97 -18.06
C ARG A 174 3.01 -9.12 -17.94
N ARG A 175 2.84 -9.91 -16.87
CA ARG A 175 3.68 -11.07 -16.64
C ARG A 175 2.87 -12.35 -16.48
N TYR A 176 3.34 -13.42 -17.14
CA TYR A 176 2.65 -14.70 -17.12
C TYR A 176 3.62 -15.86 -16.89
N LEU A 177 3.04 -17.05 -16.70
CA LEU A 177 3.75 -18.30 -16.46
C LEU A 177 3.86 -19.11 -17.74
N PRO A 178 5.06 -19.14 -18.35
CA PRO A 178 5.29 -19.88 -19.57
C PRO A 178 4.61 -21.24 -19.52
N GLN A 179 4.16 -21.71 -20.69
CA GLN A 179 3.47 -22.99 -20.77
C GLN A 179 4.42 -24.17 -20.55
N HIS A 180 4.26 -24.83 -19.39
CA HIS A 180 5.08 -26.00 -19.01
C HIS A 180 4.26 -27.26 -18.77
N ALA A 181 4.81 -28.39 -19.22
CA ALA A 181 4.19 -29.68 -19.00
C ALA A 181 4.10 -29.95 -17.50
N PRO A 182 2.94 -30.45 -17.03
CA PRO A 182 2.73 -30.72 -15.59
C PRO A 182 3.80 -31.62 -15.00
N GLY A 183 4.20 -31.30 -13.78
CA GLY A 183 5.20 -32.09 -13.09
C GLY A 183 6.64 -31.87 -13.54
N THR A 184 6.86 -31.06 -14.58
CA THR A 184 8.22 -30.85 -15.11
C THR A 184 9.16 -30.16 -14.12
N LEU A 185 8.61 -29.72 -12.98
CA LEU A 185 9.40 -29.05 -11.95
C LEU A 185 10.11 -30.08 -11.08
N LEU A 186 9.36 -31.06 -10.58
CA LEU A 186 9.94 -32.12 -9.79
C LEU A 186 10.92 -32.96 -10.64
N GLN A 187 10.50 -33.33 -11.85
CA GLN A 187 11.35 -34.19 -12.67
C GLN A 187 12.57 -33.42 -13.11
N ARG A 188 12.45 -32.09 -13.11
CA ARG A 188 13.57 -31.26 -13.49
C ARG A 188 14.60 -31.21 -12.37
N VAL A 189 14.11 -31.19 -11.14
CA VAL A 189 14.98 -31.12 -9.97
C VAL A 189 15.69 -32.46 -9.75
N GLU A 190 15.02 -33.55 -10.13
CA GLU A 190 15.54 -34.92 -9.95
C GLU A 190 16.60 -35.30 -10.95
N VAL A 191 16.21 -35.38 -12.22
CA VAL A 191 17.13 -35.67 -13.34
C VAL A 191 18.33 -34.74 -13.39
N GLU A 192 18.17 -33.48 -12.99
CA GLU A 192 19.29 -32.55 -13.01
C GLU A 192 20.06 -32.51 -11.69
N ARG A 193 19.51 -33.19 -10.68
CA ARG A 193 20.17 -33.34 -9.39
C ARG A 193 20.27 -32.04 -8.65
N LEU A 194 19.30 -31.14 -8.83
CA LEU A 194 19.37 -29.81 -8.23
C LEU A 194 19.16 -29.88 -6.73
N ASN A 195 20.02 -29.20 -5.98
CA ASN A 195 19.89 -29.16 -4.53
C ASN A 195 19.70 -27.70 -4.02
N GLY A 196 19.18 -26.83 -4.87
CA GLY A 196 18.96 -25.47 -4.48
C GLY A 196 17.94 -24.82 -5.42
N LEU A 197 17.15 -23.91 -4.87
CA LEU A 197 16.11 -23.26 -5.66
C LEU A 197 16.24 -21.77 -5.56
N VAL A 198 16.13 -21.10 -6.72
CA VAL A 198 16.21 -19.65 -6.80
C VAL A 198 15.01 -19.05 -7.48
N VAL A 199 14.48 -17.96 -6.89
CA VAL A 199 13.39 -17.19 -7.42
C VAL A 199 13.84 -15.74 -7.41
N SER A 200 13.32 -14.94 -8.34
CA SER A 200 13.75 -13.56 -8.44
C SER A 200 12.68 -12.54 -8.06
N SER A 201 11.43 -12.99 -7.89
CA SER A 201 10.34 -12.11 -7.51
C SER A 201 9.34 -12.84 -6.64
N GLY A 202 8.37 -12.11 -6.11
CA GLY A 202 7.34 -12.73 -5.33
C GLY A 202 6.42 -13.53 -6.25
N GLN A 203 6.02 -12.95 -7.38
CA GLN A 203 5.09 -13.66 -8.26
C GLN A 203 5.93 -14.77 -8.89
N GLY A 204 7.23 -14.71 -8.62
CA GLY A 204 8.14 -15.75 -9.06
C GLY A 204 8.04 -16.93 -8.11
N PHE A 205 7.89 -16.66 -6.80
CA PHE A 205 7.77 -17.73 -5.81
C PHE A 205 6.39 -18.37 -5.99
N GLU A 206 5.42 -17.55 -6.35
CA GLU A 206 4.15 -18.05 -6.80
C GLU A 206 4.59 -18.52 -8.18
N HIS A 207 3.83 -19.41 -8.80
CA HIS A 207 4.27 -19.98 -10.09
C HIS A 207 5.40 -21.02 -9.87
N LEU A 208 5.75 -21.27 -8.62
CA LEU A 208 6.78 -22.25 -8.27
C LEU A 208 6.08 -23.21 -7.38
N LEU A 209 5.49 -22.65 -6.32
CA LEU A 209 4.61 -23.37 -5.42
C LEU A 209 3.40 -23.90 -6.22
N GLN A 210 3.18 -23.30 -7.38
CA GLN A 210 2.14 -23.76 -8.27
C GLN A 210 2.63 -25.04 -8.95
N LEU A 211 3.57 -24.87 -9.89
CA LEU A 211 4.16 -25.98 -10.63
C LEU A 211 4.61 -27.08 -9.70
N ALA A 212 5.01 -26.68 -8.50
CA ALA A 212 5.48 -27.66 -7.55
C ALA A 212 4.31 -28.60 -7.34
N GLY A 213 3.10 -28.04 -7.30
CA GLY A 213 1.92 -28.84 -7.06
C GLY A 213 2.07 -29.62 -5.78
N ASP A 214 1.43 -30.79 -5.74
CA ASP A 214 1.51 -31.69 -4.58
C ASP A 214 2.93 -32.19 -4.25
N SER A 215 3.91 -31.80 -5.04
CA SER A 215 5.30 -32.20 -4.79
C SER A 215 5.97 -31.30 -3.74
N TRP A 216 5.36 -30.13 -3.51
CA TRP A 216 5.92 -29.10 -2.62
C TRP A 216 6.37 -29.52 -1.21
N PRO A 217 5.68 -30.50 -0.61
CA PRO A 217 6.06 -30.96 0.73
C PRO A 217 7.48 -31.56 0.87
N ASP A 218 8.13 -31.81 -0.26
CA ASP A 218 9.48 -32.33 -0.24
C ASP A 218 10.51 -31.33 -0.77
N LEU A 219 10.12 -30.60 -1.82
CA LEU A 219 10.95 -29.51 -2.35
C LEU A 219 11.13 -28.43 -1.29
N ALA A 220 10.15 -28.35 -0.38
CA ALA A 220 10.13 -27.31 0.63
C ALA A 220 11.35 -27.36 1.56
N GLY A 221 12.02 -28.51 1.61
CA GLY A 221 13.20 -28.62 2.46
C GLY A 221 14.49 -28.16 1.82
N LEU A 222 14.49 -27.99 0.49
CA LEU A 222 15.67 -27.54 -0.27
C LEU A 222 15.97 -26.08 -0.02
N PRO A 223 17.24 -25.69 -0.11
CA PRO A 223 17.57 -24.29 0.11
C PRO A 223 16.83 -23.44 -0.89
N LEU A 224 16.14 -22.41 -0.40
CA LEU A 224 15.41 -21.53 -1.27
C LEU A 224 16.00 -20.12 -1.20
N PHE A 225 16.50 -19.65 -2.35
CA PHE A 225 17.12 -18.32 -2.44
C PHE A 225 16.16 -17.21 -2.94
N VAL A 226 15.67 -16.42 -1.98
CA VAL A 226 14.72 -15.37 -2.24
C VAL A 226 15.40 -14.01 -2.34
N PRO A 227 14.88 -13.12 -3.18
CA PRO A 227 15.47 -11.80 -3.43
C PRO A 227 15.32 -10.82 -2.27
N SER A 228 14.31 -11.00 -1.41
CA SER A 228 14.08 -10.02 -0.35
C SER A 228 13.28 -10.54 0.84
N PRO A 229 13.20 -9.75 1.93
CA PRO A 229 12.48 -10.20 3.10
C PRO A 229 11.01 -10.41 2.72
N ARG A 230 10.51 -9.50 1.93
CA ARG A 230 9.13 -9.59 1.45
C ARG A 230 8.86 -10.96 0.86
N VAL A 231 9.77 -11.41 0.00
CA VAL A 231 9.65 -12.69 -0.66
C VAL A 231 9.93 -13.80 0.32
N ALA A 232 10.86 -13.55 1.24
CA ALA A 232 11.17 -14.53 2.27
C ALA A 232 9.90 -14.86 3.05
N SER A 233 9.10 -13.82 3.33
CA SER A 233 7.90 -13.98 4.14
C SER A 233 6.81 -14.76 3.36
N LEU A 234 6.71 -14.60 2.04
CA LEU A 234 5.71 -15.36 1.30
C LEU A 234 6.08 -16.83 1.33
N ALA A 235 7.38 -17.11 1.36
CA ALA A 235 7.87 -18.50 1.35
C ALA A 235 7.70 -19.18 2.67
N GLN A 236 7.98 -18.47 3.76
CA GLN A 236 7.81 -19.03 5.14
C GLN A 236 6.36 -19.39 5.38
N ALA A 237 5.47 -18.53 4.90
CA ALA A 237 4.04 -18.77 4.99
C ALA A 237 3.64 -20.02 4.24
N ALA A 238 4.36 -20.29 3.16
CA ALA A 238 4.09 -21.47 2.34
C ALA A 238 4.70 -22.77 2.90
N GLY A 239 5.56 -22.66 3.90
CA GLY A 239 6.17 -23.85 4.46
C GLY A 239 7.62 -24.15 4.10
N ALA A 240 8.22 -23.31 3.27
CA ALA A 240 9.64 -23.48 2.99
C ALA A 240 10.38 -23.48 4.35
N ARG A 241 11.24 -24.46 4.58
CA ARG A 241 11.95 -24.55 5.85
C ARG A 241 13.38 -23.97 5.85
N ASN A 242 13.93 -23.72 4.66
CA ASN A 242 15.29 -23.22 4.56
C ASN A 242 15.34 -22.04 3.59
N VAL A 243 14.89 -20.88 4.06
CA VAL A 243 14.80 -19.69 3.22
C VAL A 243 16.06 -18.84 3.35
N ILE A 244 16.69 -18.60 2.21
CA ILE A 244 17.93 -17.84 2.19
C ILE A 244 17.68 -16.51 1.56
N ASP A 245 17.79 -15.46 2.37
CA ASP A 245 17.53 -14.09 1.94
C ASP A 245 18.81 -13.51 1.28
N CYS A 246 18.71 -13.10 0.02
CA CYS A 246 19.81 -12.45 -0.71
C CYS A 246 19.46 -10.96 -0.77
N ARG A 247 20.45 -10.08 -0.78
CA ARG A 247 20.13 -8.67 -0.92
C ARG A 247 19.89 -8.31 -2.41
N GLY A 248 18.69 -8.62 -2.90
CA GLY A 248 18.36 -8.30 -4.28
C GLY A 248 18.55 -9.49 -5.19
N ALA A 249 18.19 -9.31 -6.47
CA ALA A 249 18.20 -10.39 -7.44
C ALA A 249 19.38 -10.35 -8.45
N SER A 250 20.43 -9.58 -8.12
CA SER A 250 21.63 -9.50 -8.96
C SER A 250 22.54 -10.69 -8.68
N ALA A 251 23.15 -11.19 -9.76
CA ALA A 251 24.02 -12.36 -9.69
C ALA A 251 24.91 -12.34 -8.46
N ALA A 252 25.54 -11.20 -8.22
CA ALA A 252 26.45 -11.06 -7.09
C ALA A 252 25.77 -11.46 -5.80
N ALA A 253 24.74 -10.71 -5.41
CA ALA A 253 24.04 -10.95 -4.15
C ALA A 253 23.75 -12.44 -3.94
N LEU A 254 23.66 -13.17 -5.05
CA LEU A 254 23.45 -14.61 -5.00
C LEU A 254 24.74 -15.35 -4.65
N LEU A 255 25.80 -15.07 -5.37
CA LEU A 255 27.08 -15.71 -5.09
C LEU A 255 27.43 -15.43 -3.63
N ALA A 256 27.22 -14.19 -3.20
CA ALA A 256 27.50 -13.82 -1.83
C ALA A 256 26.69 -14.69 -0.87
N ALA A 257 25.50 -15.09 -1.31
CA ALA A 257 24.63 -15.91 -0.46
C ALA A 257 25.07 -17.36 -0.44
N LEU A 258 25.47 -17.87 -1.60
CA LEU A 258 25.99 -19.24 -1.69
C LEU A 258 27.22 -19.38 -0.80
N ARG A 259 28.21 -18.51 -1.02
CA ARG A 259 29.44 -18.53 -0.21
C ARG A 259 29.12 -18.47 1.28
N ASP A 260 28.02 -17.79 1.60
CA ASP A 260 27.60 -17.59 2.97
C ASP A 260 26.91 -18.84 3.55
N GLN A 261 26.44 -19.72 2.66
CA GLN A 261 25.71 -20.92 3.06
C GLN A 261 26.55 -22.20 3.29
N PRO A 262 26.27 -22.92 4.39
CA PRO A 262 26.95 -24.18 4.71
C PRO A 262 26.92 -25.15 3.52
N GLN A 263 27.69 -26.24 3.59
CA GLN A 263 27.73 -27.21 2.48
C GLN A 263 26.35 -27.86 2.22
N PRO A 264 25.94 -27.92 0.94
CA PRO A 264 24.61 -28.47 0.63
C PRO A 264 24.34 -29.85 1.19
N ALA A 265 23.38 -29.95 2.11
CA ALA A 265 22.98 -31.22 2.73
C ALA A 265 22.35 -32.17 1.73
N VAL A 266 22.88 -33.38 1.64
CA VAL A 266 22.36 -34.40 0.73
C VAL A 266 20.83 -34.50 0.83
N LYS A 267 20.15 -34.60 -0.31
CA LYS A 267 18.68 -34.68 -0.33
C LYS A 267 18.18 -35.66 0.69
N ALA A 268 17.02 -35.35 1.24
CA ALA A 268 16.40 -36.17 2.27
C ALA A 268 15.33 -37.07 1.66
N TYR A 269 14.42 -36.48 0.89
CA TYR A 269 13.34 -37.23 0.25
C TYR A 269 13.92 -38.17 -0.81
N SER B 13 -18.65 32.26 15.82
CA SER B 13 -18.14 33.27 14.85
C SER B 13 -19.09 33.33 13.68
N ALA B 14 -18.53 33.66 12.51
CA ALA B 14 -19.27 33.71 11.27
C ALA B 14 -19.27 32.36 10.51
N TRP B 15 -18.67 31.32 11.10
CA TRP B 15 -18.60 30.00 10.46
C TRP B 15 -19.88 29.21 10.67
N ARG B 16 -20.39 28.66 9.58
CA ARG B 16 -21.63 27.84 9.55
C ARG B 16 -21.24 26.62 8.76
N LEU B 17 -20.88 25.57 9.48
CA LEU B 17 -20.33 24.36 8.85
C LEU B 17 -21.28 23.22 8.54
N LEU B 18 -20.86 22.45 7.54
CA LEU B 18 -21.61 21.25 7.15
C LEU B 18 -20.83 20.08 7.68
N LEU B 19 -21.45 19.22 8.47
CA LEU B 19 -20.81 18.02 8.99
C LEU B 19 -21.32 16.82 8.23
N THR B 20 -20.39 15.97 7.80
CA THR B 20 -20.70 14.80 7.02
C THR B 20 -20.33 13.44 7.62
N ARG B 21 -19.73 13.43 8.81
CA ARG B 21 -19.43 12.17 9.48
C ARG B 21 -20.73 11.55 10.05
N PRO B 22 -20.65 10.33 10.59
CA PRO B 22 -21.85 9.67 11.15
C PRO B 22 -22.58 10.50 12.21
N ALA B 23 -23.87 10.29 12.32
CA ALA B 23 -24.73 10.98 13.23
C ALA B 23 -24.24 11.12 14.67
N GLU B 24 -23.87 10.03 15.30
CA GLU B 24 -23.41 10.12 16.68
C GLU B 24 -22.15 10.97 16.85
N GLU B 25 -21.13 10.73 16.01
CA GLU B 25 -19.94 11.56 16.03
C GLU B 25 -20.30 13.01 15.70
N SER B 26 -21.27 13.15 14.78
CA SER B 26 -21.75 14.43 14.28
C SER B 26 -22.49 15.22 15.33
N ALA B 27 -23.37 14.56 16.07
CA ALA B 27 -24.13 15.30 17.11
C ALA B 27 -23.17 15.74 18.20
N ALA B 28 -22.17 14.92 18.50
CA ALA B 28 -21.15 15.28 19.52
C ALA B 28 -20.30 16.43 19.07
N LEU B 29 -19.86 16.37 17.81
CA LEU B 29 -19.01 17.43 17.27
C LEU B 29 -19.83 18.69 17.19
N ALA B 30 -21.09 18.54 16.87
CA ALA B 30 -21.96 19.69 16.75
C ALA B 30 -21.96 20.46 18.05
N ARG B 31 -22.05 19.72 19.18
CA ARG B 31 -22.09 20.37 20.49
C ARG B 31 -20.83 21.15 20.82
N VAL B 32 -19.68 20.50 20.83
CA VAL B 32 -18.45 21.19 21.15
C VAL B 32 -18.22 22.40 20.27
N LEU B 33 -18.64 22.29 19.00
CA LEU B 33 -18.51 23.36 18.04
C LEU B 33 -19.48 24.50 18.40
N ALA B 34 -20.67 24.13 18.88
CA ALA B 34 -21.66 25.12 19.32
C ALA B 34 -21.15 26.03 20.47
N ASP B 35 -20.39 25.48 21.42
CA ASP B 35 -19.90 26.30 22.53
C ASP B 35 -18.96 27.37 22.07
N ALA B 36 -18.17 27.05 21.05
CA ALA B 36 -17.24 27.99 20.48
C ALA B 36 -17.99 29.04 19.67
N GLY B 37 -19.31 28.93 19.66
CA GLY B 37 -20.13 29.88 18.94
C GLY B 37 -20.25 29.61 17.44
N ILE B 38 -20.06 28.34 17.04
CA ILE B 38 -20.17 27.95 15.64
C ILE B 38 -21.39 27.09 15.37
N PHE B 39 -22.26 27.59 14.50
CA PHE B 39 -23.43 26.84 14.05
C PHE B 39 -22.96 25.76 13.06
N SER B 40 -23.65 24.62 13.08
CA SER B 40 -23.38 23.56 12.12
C SER B 40 -24.66 22.84 11.76
N SER B 41 -24.63 22.16 10.62
CA SER B 41 -25.73 21.37 10.20
C SER B 41 -25.15 20.00 9.82
N SER B 42 -25.75 18.95 10.34
CA SER B 42 -25.27 17.62 10.08
C SER B 42 -26.00 16.89 8.94
N LEU B 43 -25.24 16.44 7.95
CA LEU B 43 -25.75 15.62 6.89
C LEU B 43 -24.87 14.34 6.83
N PRO B 44 -25.21 13.32 7.64
CA PRO B 44 -24.41 12.11 7.70
C PRO B 44 -24.20 11.40 6.36
N LEU B 45 -22.96 11.41 5.86
CA LEU B 45 -22.61 10.72 4.62
C LEU B 45 -21.89 9.36 4.82
N LEU B 46 -21.83 8.87 6.05
CA LEU B 46 -21.16 7.62 6.31
C LEU B 46 -21.84 7.03 7.50
N GLU B 47 -21.83 5.71 7.58
CA GLU B 47 -22.43 5.03 8.72
C GLU B 47 -21.77 3.68 8.70
N THR B 48 -21.51 3.13 9.87
CA THR B 48 -20.78 1.86 9.93
C THR B 48 -21.77 0.74 9.93
N GLU B 49 -21.40 -0.34 9.26
CA GLU B 49 -22.17 -1.54 9.24
C GLU B 49 -21.27 -2.72 9.63
N PRO B 50 -21.52 -3.37 10.78
CA PRO B 50 -20.76 -4.54 11.20
C PRO B 50 -20.89 -5.69 10.20
N LEU B 51 -19.81 -6.41 9.95
CA LEU B 51 -19.85 -7.55 9.08
C LEU B 51 -19.89 -8.81 9.93
N PRO B 52 -20.78 -9.77 9.61
CA PRO B 52 -20.75 -11.05 10.33
C PRO B 52 -19.51 -11.81 9.90
N LEU B 53 -18.91 -12.55 10.82
CA LEU B 53 -17.67 -13.22 10.49
C LEU B 53 -17.50 -14.59 11.13
N THR B 54 -18.52 -15.43 11.07
CA THR B 54 -18.31 -16.75 11.66
C THR B 54 -17.83 -17.75 10.59
N PRO B 55 -17.39 -17.26 9.41
CA PRO B 55 -17.02 -18.30 8.47
C PRO B 55 -15.53 -18.60 8.45
N ALA B 56 -15.04 -19.43 9.37
CA ALA B 56 -13.60 -19.68 9.41
C ALA B 56 -12.90 -18.38 9.67
N GLN B 57 -13.58 -17.47 10.38
CA GLN B 57 -13.00 -16.20 10.74
C GLN B 57 -13.15 -16.27 12.25
N ARG B 58 -14.21 -16.93 12.68
CA ARG B 58 -14.44 -17.20 14.09
C ARG B 58 -13.24 -17.93 14.66
N SER B 59 -12.68 -18.82 13.83
CA SER B 59 -11.52 -19.60 14.22
C SER B 59 -10.30 -18.71 14.33
N ILE B 60 -10.16 -17.78 13.39
CA ILE B 60 -9.06 -16.87 13.40
C ILE B 60 -8.95 -16.31 14.81
N ILE B 61 -10.07 -15.83 15.32
CA ILE B 61 -10.12 -15.27 16.65
C ILE B 61 -9.74 -16.28 17.71
N PHE B 62 -10.21 -17.51 17.58
CA PHE B 62 -9.87 -18.53 18.57
C PHE B 62 -8.39 -18.75 18.64
N GLU B 63 -7.70 -18.52 17.53
CA GLU B 63 -6.25 -18.71 17.57
C GLU B 63 -5.42 -17.48 17.18
N LEU B 64 -5.72 -16.37 17.86
CA LEU B 64 -5.06 -15.11 17.64
C LEU B 64 -3.55 -15.25 17.88
N LEU B 65 -3.18 -16.24 18.71
CA LEU B 65 -1.75 -16.42 19.03
C LEU B 65 -0.94 -16.83 17.83
N ASN B 66 -1.61 -17.09 16.70
CA ASN B 66 -0.87 -17.46 15.51
C ASN B 66 -0.06 -16.21 15.11
N TYR B 67 -0.59 -15.04 15.47
CA TYR B 67 -0.01 -13.76 15.16
C TYR B 67 0.86 -13.20 16.30
N SER B 68 2.00 -12.59 15.92
CA SER B 68 2.94 -12.02 16.88
C SER B 68 2.42 -10.66 17.34
N ALA B 69 1.48 -10.09 16.58
CA ALA B 69 0.92 -8.80 16.92
C ALA B 69 -0.39 -8.55 16.23
N VAL B 70 -1.25 -7.77 16.91
CA VAL B 70 -2.53 -7.37 16.36
C VAL B 70 -2.64 -5.89 16.41
N ILE B 71 -3.14 -5.28 15.33
CA ILE B 71 -3.24 -3.85 15.18
C ILE B 71 -4.65 -3.50 14.88
N VAL B 72 -5.22 -2.58 15.66
CA VAL B 72 -6.58 -2.15 15.50
C VAL B 72 -6.53 -0.72 14.95
N VAL B 73 -7.17 -0.49 13.81
CA VAL B 73 -7.10 0.81 13.17
C VAL B 73 -8.19 1.83 13.40
N SER B 74 -9.18 1.53 14.20
CA SER B 74 -10.24 2.51 14.36
C SER B 74 -11.07 2.14 15.56
N LYS B 75 -11.82 3.13 16.07
CA LYS B 75 -12.68 2.93 17.21
C LYS B 75 -13.70 1.82 16.93
N PRO B 76 -14.43 1.90 15.79
CA PRO B 76 -15.40 0.86 15.47
C PRO B 76 -14.75 -0.57 15.47
N ALA B 77 -13.56 -0.73 14.89
CA ALA B 77 -12.92 -2.05 14.87
C ALA B 77 -12.51 -2.55 16.29
N ALA B 78 -12.22 -1.64 17.22
CA ALA B 78 -11.86 -2.08 18.58
C ALA B 78 -13.11 -2.58 19.27
N ARG B 79 -14.16 -1.76 19.25
CA ARG B 79 -15.44 -2.08 19.89
C ARG B 79 -15.94 -3.43 19.42
N LEU B 80 -15.85 -3.67 18.12
CA LEU B 80 -16.29 -4.92 17.53
C LEU B 80 -15.41 -6.11 17.93
N ALA B 81 -14.10 -5.92 17.83
CA ALA B 81 -13.07 -6.90 18.19
C ALA B 81 -13.21 -7.34 19.62
N ILE B 82 -13.46 -6.39 20.49
CA ILE B 82 -13.58 -6.70 21.91
C ILE B 82 -14.71 -7.66 22.11
N GLU B 83 -15.82 -7.37 21.45
CA GLU B 83 -17.01 -8.17 21.50
C GLU B 83 -16.81 -9.56 20.96
N LEU B 84 -16.14 -9.68 19.81
CA LEU B 84 -15.89 -10.99 19.22
C LEU B 84 -15.02 -11.85 20.11
N ILE B 85 -14.06 -11.22 20.80
CA ILE B 85 -13.16 -11.88 21.73
C ILE B 85 -13.81 -12.29 23.04
N ASP B 86 -14.66 -11.43 23.61
CA ASP B 86 -15.20 -11.69 24.94
C ASP B 86 -16.03 -12.93 24.85
N GLU B 87 -16.43 -13.24 23.63
CA GLU B 87 -17.30 -14.38 23.38
C GLU B 87 -16.52 -15.70 23.28
N VAL B 88 -15.28 -15.61 22.79
CA VAL B 88 -14.49 -16.80 22.55
C VAL B 88 -13.42 -17.07 23.61
N TRP B 89 -12.90 -16.01 24.22
CA TRP B 89 -11.82 -16.10 25.23
C TRP B 89 -12.30 -15.85 26.66
N PRO B 90 -12.09 -16.81 27.53
CA PRO B 90 -12.53 -16.64 28.91
C PRO B 90 -11.80 -15.44 29.51
N GLN B 91 -10.52 -15.29 29.17
CA GLN B 91 -9.72 -14.12 29.55
C GLN B 91 -9.02 -13.53 28.34
N PRO B 92 -8.68 -12.24 28.39
CA PRO B 92 -8.04 -11.60 27.25
C PRO B 92 -6.72 -12.29 26.83
N PRO B 93 -6.33 -12.16 25.55
CA PRO B 93 -5.10 -12.66 24.96
C PRO B 93 -3.92 -11.91 25.55
N MET B 94 -2.93 -12.63 26.04
CA MET B 94 -1.78 -12.01 26.64
C MET B 94 -0.88 -11.25 25.66
N GLN B 95 -0.99 -11.58 24.37
CA GLN B 95 -0.20 -10.94 23.29
C GLN B 95 -0.15 -9.40 23.13
N PRO B 96 0.79 -8.90 22.30
CA PRO B 96 0.94 -7.47 22.06
C PRO B 96 -0.08 -6.94 21.05
N TRP B 97 -0.84 -5.93 21.48
CA TRP B 97 -1.87 -5.31 20.68
C TRP B 97 -1.51 -3.85 20.48
N PHE B 98 -1.92 -3.27 19.37
CA PHE B 98 -1.55 -1.90 19.08
C PHE B 98 -2.65 -1.16 18.38
N SER B 99 -2.65 0.15 18.55
CA SER B 99 -3.62 1.04 17.89
C SER B 99 -2.86 2.17 17.20
N VAL B 100 -3.50 2.81 16.24
CA VAL B 100 -2.94 4.01 15.58
C VAL B 100 -2.88 5.21 16.54
N GLY B 101 -4.02 5.53 17.14
CA GLY B 101 -4.11 6.60 18.14
C GLY B 101 -4.44 6.11 19.55
N SER B 102 -4.69 7.03 20.46
CA SER B 102 -4.94 6.69 21.87
C SER B 102 -6.41 6.43 22.14
N ALA B 103 -7.31 7.12 21.44
CA ALA B 103 -8.74 6.87 21.67
C ALA B 103 -9.03 5.39 21.40
N THR B 104 -8.51 4.89 20.28
CA THR B 104 -8.68 3.47 19.94
C THR B 104 -7.96 2.61 20.95
N GLY B 105 -6.74 3.04 21.30
CA GLY B 105 -5.91 2.26 22.21
C GLY B 105 -6.50 2.12 23.59
N GLN B 106 -7.06 3.20 24.14
CA GLN B 106 -7.66 3.12 25.46
C GLN B 106 -8.83 2.12 25.52
N ILE B 107 -9.64 2.06 24.47
CA ILE B 107 -10.77 1.13 24.44
C ILE B 107 -10.25 -0.29 24.67
N LEU B 108 -9.16 -0.63 23.96
CA LEU B 108 -8.57 -1.94 24.13
C LEU B 108 -8.02 -2.11 25.54
N LEU B 109 -7.40 -1.05 26.05
CA LEU B 109 -6.80 -1.06 27.40
C LEU B 109 -7.90 -1.23 28.45
N ASP B 110 -9.01 -0.52 28.27
CA ASP B 110 -10.12 -0.64 29.22
C ASP B 110 -10.62 -2.06 29.33
N TYR B 111 -10.25 -2.90 28.37
CA TYR B 111 -10.74 -4.29 28.34
C TYR B 111 -9.79 -5.29 28.93
N GLY B 112 -8.55 -4.83 29.17
CA GLY B 112 -7.51 -5.70 29.76
C GLY B 112 -6.57 -6.26 28.71
N LEU B 113 -6.49 -5.60 27.55
CA LEU B 113 -5.57 -6.02 26.47
C LEU B 113 -4.27 -5.27 26.65
N ASP B 114 -3.15 -5.93 26.36
CA ASP B 114 -1.85 -5.30 26.47
C ASP B 114 -1.62 -4.39 25.25
N ALA B 115 -2.21 -3.20 25.28
CA ALA B 115 -2.19 -2.33 24.09
C ALA B 115 -1.39 -1.07 24.27
N SER B 116 -0.64 -0.70 23.23
CA SER B 116 0.12 0.53 23.26
C SER B 116 -0.01 1.24 21.93
N TRP B 117 0.27 2.56 21.94
CA TRP B 117 0.29 3.34 20.72
C TRP B 117 1.49 4.28 20.66
N PRO B 118 1.92 4.67 19.45
CA PRO B 118 3.04 5.59 19.38
C PRO B 118 2.59 7.01 19.78
N GLU B 119 3.32 7.66 20.68
CA GLU B 119 2.93 9.00 21.12
C GLU B 119 3.52 10.14 20.31
N GLN B 120 4.08 9.84 19.14
CA GLN B 120 4.60 10.89 18.28
C GLN B 120 3.60 11.30 17.21
N GLY B 121 2.55 10.51 17.01
CA GLY B 121 1.56 10.90 16.01
C GLY B 121 0.54 9.84 15.69
N ASP B 122 -0.64 10.26 15.26
CA ASP B 122 -1.71 9.31 14.98
C ASP B 122 -1.67 8.71 13.58
N ASP B 123 -0.47 8.59 13.02
CA ASP B 123 -0.32 8.06 11.67
C ASP B 123 0.31 6.66 11.61
N SER B 124 0.69 6.26 10.41
CA SER B 124 1.29 4.95 10.17
C SER B 124 2.82 4.97 10.33
N GLU B 125 3.46 6.09 9.94
CA GLU B 125 4.91 6.27 10.13
C GLU B 125 5.31 6.04 11.61
N ALA B 126 4.44 6.50 12.51
CA ALA B 126 4.68 6.40 13.94
C ALA B 126 4.58 4.96 14.48
N LEU B 127 3.63 4.18 13.98
CA LEU B 127 3.47 2.77 14.37
C LEU B 127 4.66 1.92 13.96
N LEU B 128 5.01 2.00 12.68
CA LEU B 128 6.08 1.19 12.16
C LEU B 128 7.41 1.49 12.87
N ASP B 129 7.48 2.64 13.52
CA ASP B 129 8.67 2.98 14.29
C ASP B 129 8.50 2.83 15.80
N HIS B 130 7.40 2.21 16.22
CA HIS B 130 7.08 1.99 17.63
C HIS B 130 7.87 0.79 18.11
N PRO B 131 8.74 0.98 19.10
CA PRO B 131 9.59 -0.08 19.63
C PRO B 131 8.84 -1.35 20.03
N ARG B 132 7.86 -1.24 20.92
CA ARG B 132 7.11 -2.45 21.33
C ARG B 132 6.68 -3.28 20.11
N LEU B 133 6.25 -2.61 19.04
CA LEU B 133 5.82 -3.27 17.83
C LEU B 133 7.02 -3.89 17.10
N LYS B 134 8.09 -3.09 16.92
CA LYS B 134 9.28 -3.60 16.29
C LYS B 134 9.87 -4.80 17.04
N GLN B 135 9.90 -4.73 18.36
CA GLN B 135 10.40 -5.89 19.14
C GLN B 135 9.47 -7.13 18.98
N ALA B 136 8.16 -6.91 19.02
CA ALA B 136 7.20 -8.01 18.85
C ALA B 136 7.26 -8.71 17.48
N ILE B 137 7.68 -7.96 16.47
CA ILE B 137 7.82 -8.43 15.10
C ILE B 137 9.25 -8.90 14.76
N ALA B 138 10.21 -8.57 15.63
CA ALA B 138 11.62 -8.91 15.44
C ALA B 138 11.78 -10.39 15.55
N VAL B 139 11.50 -11.11 14.47
CA VAL B 139 11.67 -12.56 14.42
C VAL B 139 11.22 -12.88 13.02
N PRO B 140 11.92 -13.82 12.38
CA PRO B 140 11.62 -14.16 11.00
C PRO B 140 10.46 -15.10 11.03
N GLY B 141 9.51 -14.91 10.12
CA GLY B 141 8.37 -15.78 10.08
C GLY B 141 7.19 -15.24 10.85
N SER B 142 7.37 -14.14 11.57
CA SER B 142 6.26 -13.58 12.33
C SER B 142 5.17 -12.95 11.42
N ARG B 143 3.96 -12.91 11.92
CA ARG B 143 2.83 -12.38 11.16
C ARG B 143 2.04 -11.39 12.03
N VAL B 144 1.33 -10.49 11.38
CA VAL B 144 0.51 -9.49 12.06
C VAL B 144 -0.93 -9.53 11.53
N LEU B 145 -1.89 -9.30 12.41
CA LEU B 145 -3.27 -9.26 12.04
C LEU B 145 -3.79 -7.82 12.24
N ILE B 146 -4.36 -7.23 11.20
CA ILE B 146 -4.93 -5.89 11.28
C ILE B 146 -6.42 -6.03 11.27
N MET B 147 -7.06 -5.49 12.31
CA MET B 147 -8.51 -5.48 12.37
C MET B 147 -8.99 -4.09 11.89
N ARG B 148 -9.78 -4.08 10.84
CA ARG B 148 -10.22 -2.85 10.22
C ARG B 148 -11.55 -2.97 9.47
N GLY B 149 -11.86 -1.93 8.68
CA GLY B 149 -13.10 -1.87 7.90
C GLY B 149 -12.93 -1.75 6.40
N ASN B 150 -12.00 -2.52 5.84
CA ASN B 150 -11.70 -2.42 4.38
C ASN B 150 -11.20 -1.06 3.84
N GLU B 151 -11.02 -0.07 4.70
CA GLU B 151 -10.49 1.21 4.24
C GLU B 151 -9.04 1.10 3.77
N GLY B 152 -8.46 2.21 3.32
CA GLY B 152 -7.08 2.18 2.83
C GLY B 152 -6.04 2.15 3.94
N ARG B 153 -5.77 0.95 4.42
CA ARG B 153 -4.74 0.71 5.45
C ARG B 153 -3.63 -0.06 4.74
N GLU B 154 -3.42 0.35 3.49
CA GLU B 154 -2.43 -0.28 2.63
C GLU B 154 -1.01 0.14 2.95
N LEU B 155 -0.83 1.36 3.41
CA LEU B 155 0.52 1.79 3.77
C LEU B 155 1.12 0.90 4.86
N LEU B 156 0.36 0.73 5.93
CA LEU B 156 0.79 -0.02 7.09
C LEU B 156 1.19 -1.46 6.72
N ALA B 157 0.30 -2.17 6.05
CA ALA B 157 0.54 -3.53 5.63
C ALA B 157 1.70 -3.62 4.65
N GLU B 158 1.78 -2.64 3.76
CA GLU B 158 2.83 -2.64 2.73
C GLU B 158 4.20 -2.41 3.31
N GLN B 159 4.28 -1.55 4.30
CA GLN B 159 5.58 -1.29 4.90
C GLN B 159 5.97 -2.35 5.90
N LEU B 160 5.00 -3.20 6.30
CA LEU B 160 5.30 -4.33 7.20
C LEU B 160 5.81 -5.50 6.33
N ARG B 161 5.19 -5.69 5.18
CA ARG B 161 5.60 -6.73 4.26
C ARG B 161 6.96 -6.38 3.65
N GLU B 162 7.23 -5.11 3.47
CA GLU B 162 8.53 -4.73 2.96
C GLU B 162 9.59 -5.19 3.94
N ARG B 163 9.27 -5.14 5.22
CA ARG B 163 10.24 -5.50 6.24
C ARG B 163 10.28 -7.02 6.41
N GLY B 164 9.46 -7.74 5.68
CA GLY B 164 9.49 -9.17 5.80
C GLY B 164 8.46 -9.75 6.76
N VAL B 165 7.53 -8.91 7.20
CA VAL B 165 6.48 -9.40 8.08
C VAL B 165 5.25 -9.75 7.25
N GLY B 166 4.53 -10.78 7.64
CA GLY B 166 3.29 -11.10 6.93
C GLY B 166 2.19 -10.28 7.59
N VAL B 167 1.14 -10.01 6.84
CA VAL B 167 0.01 -9.28 7.37
C VAL B 167 -1.31 -9.91 6.87
N ASP B 168 -2.23 -10.18 7.77
CA ASP B 168 -3.52 -10.68 7.42
C ASP B 168 -4.50 -9.61 7.89
N TYR B 169 -5.68 -9.60 7.28
CA TYR B 169 -6.71 -8.62 7.65
C TYR B 169 -7.89 -9.35 8.19
N LEU B 170 -8.63 -8.66 9.04
CA LEU B 170 -9.84 -9.17 9.58
C LEU B 170 -10.76 -7.97 9.46
N PRO B 171 -11.60 -7.94 8.41
CA PRO B 171 -12.55 -6.86 8.19
C PRO B 171 -13.71 -7.10 9.16
N LEU B 172 -13.96 -6.15 10.04
CA LEU B 172 -15.05 -6.32 10.99
C LEU B 172 -16.28 -5.58 10.51
N TYR B 173 -16.09 -4.53 9.74
CA TYR B 173 -17.21 -3.73 9.29
C TYR B 173 -16.92 -3.03 7.98
N ARG B 174 -17.83 -2.15 7.61
CA ARG B 174 -17.67 -1.27 6.46
C ARG B 174 -18.57 -0.08 6.68
N ARG B 175 -18.24 1.01 6.03
CA ARG B 175 -19.02 2.22 6.16
C ARG B 175 -19.82 2.31 4.88
N TYR B 176 -21.02 2.86 4.95
CA TYR B 176 -21.87 2.98 3.74
C TYR B 176 -22.49 4.38 3.65
N LEU B 177 -23.04 4.70 2.49
CA LEU B 177 -23.69 6.00 2.28
C LEU B 177 -25.17 5.98 2.61
N PRO B 178 -25.59 6.65 3.70
CA PRO B 178 -27.02 6.67 4.05
C PRO B 178 -27.76 7.32 2.90
N GLN B 179 -29.04 7.03 2.79
CA GLN B 179 -29.75 7.45 1.59
C GLN B 179 -30.19 8.92 1.64
N HIS B 180 -29.99 9.61 0.52
CA HIS B 180 -30.40 11.00 0.39
C HIS B 180 -30.81 11.34 -1.06
N ALA B 181 -31.83 12.20 -1.19
CA ALA B 181 -32.28 12.70 -2.52
C ALA B 181 -31.23 13.61 -3.23
N PRO B 182 -31.23 13.61 -4.58
CA PRO B 182 -30.32 14.46 -5.38
C PRO B 182 -30.59 15.94 -5.15
N GLY B 183 -29.55 16.71 -4.87
CA GLY B 183 -29.77 18.12 -4.59
C GLY B 183 -29.90 18.49 -3.11
N THR B 184 -30.19 17.50 -2.25
CA THR B 184 -30.23 17.71 -0.80
C THR B 184 -28.94 18.35 -0.22
N LEU B 185 -27.77 17.96 -0.73
CA LEU B 185 -26.55 18.58 -0.31
C LEU B 185 -26.62 20.09 -0.52
N LEU B 186 -26.66 20.52 -1.78
CA LEU B 186 -26.71 21.95 -2.15
C LEU B 186 -27.82 22.66 -1.40
N GLN B 187 -28.94 21.97 -1.25
CA GLN B 187 -30.10 22.49 -0.57
C GLN B 187 -29.77 22.85 0.86
N ARG B 188 -29.15 21.94 1.57
CA ARG B 188 -28.80 22.18 2.96
C ARG B 188 -27.81 23.35 3.02
N VAL B 189 -26.80 23.28 2.16
CA VAL B 189 -25.77 24.32 2.13
C VAL B 189 -26.42 25.70 1.92
N GLU B 190 -27.48 25.75 1.12
CA GLU B 190 -28.10 27.01 0.77
C GLU B 190 -29.10 27.51 1.81
N VAL B 191 -30.07 26.68 2.15
CA VAL B 191 -31.04 27.07 3.14
C VAL B 191 -30.43 27.32 4.52
N GLU B 192 -29.40 26.59 4.87
CA GLU B 192 -28.81 26.78 6.17
C GLU B 192 -27.72 27.83 6.08
N ARG B 193 -27.44 28.29 4.84
CA ARG B 193 -26.44 29.33 4.62
C ARG B 193 -25.07 28.92 5.20
N LEU B 194 -24.65 27.71 4.88
CA LEU B 194 -23.38 27.18 5.34
C LEU B 194 -22.27 27.72 4.43
N ASN B 195 -21.19 28.21 5.03
CA ASN B 195 -20.04 28.68 4.24
C ASN B 195 -18.76 27.84 4.49
N GLY B 196 -18.93 26.65 5.07
CA GLY B 196 -17.84 25.77 5.29
C GLY B 196 -18.25 24.31 5.24
N LEU B 197 -17.44 23.49 4.59
CA LEU B 197 -17.70 22.07 4.48
C LEU B 197 -16.65 21.28 5.19
N VAL B 198 -17.10 20.29 5.94
CA VAL B 198 -16.20 19.42 6.65
C VAL B 198 -16.42 17.95 6.29
N VAL B 199 -15.32 17.23 6.02
CA VAL B 199 -15.39 15.78 5.81
C VAL B 199 -14.42 15.15 6.84
N SER B 200 -14.64 13.88 7.18
CA SER B 200 -13.84 13.24 8.18
C SER B 200 -12.96 12.10 7.62
N SER B 201 -13.15 11.73 6.35
CA SER B 201 -12.44 10.62 5.73
C SER B 201 -12.50 10.70 4.20
N GLY B 202 -11.67 9.93 3.53
CA GLY B 202 -11.64 10.00 2.09
C GLY B 202 -12.97 9.51 1.52
N GLN B 203 -13.45 8.40 2.05
CA GLN B 203 -14.69 7.86 1.59
C GLN B 203 -15.78 8.90 1.76
N GLY B 204 -15.79 9.57 2.92
CA GLY B 204 -16.75 10.64 3.17
C GLY B 204 -16.73 11.69 2.07
N PHE B 205 -15.52 12.06 1.63
CA PHE B 205 -15.39 13.00 0.52
C PHE B 205 -16.00 12.52 -0.83
N GLU B 206 -15.79 11.26 -1.16
CA GLU B 206 -16.35 10.66 -2.36
C GLU B 206 -17.86 10.90 -2.37
N HIS B 207 -18.52 10.62 -1.24
CA HIS B 207 -19.96 10.85 -1.08
C HIS B 207 -20.33 12.31 -1.22
N LEU B 208 -19.42 13.20 -0.83
CA LEU B 208 -19.67 14.61 -0.93
C LEU B 208 -19.62 15.00 -2.38
N LEU B 209 -18.67 14.41 -3.12
CA LEU B 209 -18.42 14.76 -4.50
C LEU B 209 -19.55 14.25 -5.36
N GLN B 210 -20.07 13.10 -4.97
CA GLN B 210 -21.17 12.48 -5.66
C GLN B 210 -22.40 13.36 -5.52
N LEU B 211 -22.88 13.52 -4.28
CA LEU B 211 -24.06 14.32 -3.97
C LEU B 211 -23.96 15.76 -4.44
N ALA B 212 -22.76 16.22 -4.78
CA ALA B 212 -22.63 17.60 -5.24
C ALA B 212 -23.16 17.75 -6.66
N GLY B 213 -23.41 16.63 -7.33
CA GLY B 213 -23.88 16.63 -8.71
C GLY B 213 -23.23 17.74 -9.50
N ASP B 214 -24.03 18.47 -10.31
CA ASP B 214 -23.54 19.59 -11.11
C ASP B 214 -23.28 20.87 -10.32
N SER B 215 -23.46 20.81 -9.01
CA SER B 215 -23.26 21.98 -8.16
C SER B 215 -21.78 22.14 -7.81
N TRP B 216 -21.05 21.04 -7.98
CA TRP B 216 -19.67 20.96 -7.54
C TRP B 216 -18.77 22.10 -8.04
N PRO B 217 -19.01 22.62 -9.27
CA PRO B 217 -18.11 23.69 -9.71
C PRO B 217 -18.26 24.98 -8.90
N ASP B 218 -19.38 25.09 -8.17
CA ASP B 218 -19.67 26.24 -7.31
C ASP B 218 -19.35 25.90 -5.85
N LEU B 219 -19.82 24.74 -5.40
CA LEU B 219 -19.54 24.25 -4.05
C LEU B 219 -18.05 24.05 -3.83
N ALA B 220 -17.31 23.79 -4.92
CA ALA B 220 -15.88 23.58 -4.90
C ALA B 220 -15.12 24.82 -4.42
N GLY B 221 -15.80 25.96 -4.43
CA GLY B 221 -15.15 27.21 -4.02
C GLY B 221 -15.14 27.39 -2.53
N LEU B 222 -15.96 26.61 -1.83
CA LEU B 222 -16.12 26.75 -0.37
C LEU B 222 -14.96 26.17 0.41
N PRO B 223 -14.65 26.75 1.57
CA PRO B 223 -13.60 26.23 2.45
C PRO B 223 -13.95 24.80 2.82
N LEU B 224 -13.15 23.84 2.34
CA LEU B 224 -13.34 22.42 2.62
C LEU B 224 -12.30 21.91 3.66
N PHE B 225 -12.77 21.56 4.84
CA PHE B 225 -11.92 21.02 5.89
C PHE B 225 -11.72 19.51 5.80
N VAL B 226 -10.51 19.06 5.46
CA VAL B 226 -10.19 17.65 5.35
C VAL B 226 -9.30 17.20 6.53
N PRO B 227 -9.38 15.91 6.89
CA PRO B 227 -8.60 15.38 8.03
C PRO B 227 -7.12 15.10 7.82
N SER B 228 -6.70 14.83 6.59
CA SER B 228 -5.31 14.46 6.28
C SER B 228 -4.83 14.87 4.90
N PRO B 229 -3.52 15.01 4.70
CA PRO B 229 -3.05 15.42 3.36
C PRO B 229 -3.48 14.43 2.27
N ARG B 230 -3.71 13.18 2.66
CA ARG B 230 -4.22 12.17 1.76
C ARG B 230 -5.60 12.50 1.17
N VAL B 231 -6.48 13.05 2.00
CA VAL B 231 -7.82 13.41 1.59
C VAL B 231 -7.75 14.75 0.85
N ALA B 232 -6.82 15.60 1.28
CA ALA B 232 -6.60 16.89 0.65
C ALA B 232 -6.25 16.67 -0.83
N SER B 233 -5.44 15.65 -1.06
CA SER B 233 -5.02 15.28 -2.38
C SER B 233 -6.20 14.80 -3.22
N LEU B 234 -7.12 14.05 -2.59
CA LEU B 234 -8.29 13.56 -3.29
C LEU B 234 -9.18 14.71 -3.69
N ALA B 235 -9.33 15.70 -2.78
CA ALA B 235 -10.18 16.86 -3.02
C ALA B 235 -9.69 17.79 -4.15
N GLN B 236 -8.39 18.07 -4.14
CA GLN B 236 -7.73 18.87 -5.21
C GLN B 236 -7.85 18.26 -6.61
N ALA B 237 -7.65 16.96 -6.69
CA ALA B 237 -7.84 16.24 -7.94
C ALA B 237 -9.30 16.34 -8.43
N ALA B 238 -10.25 16.45 -7.49
CA ALA B 238 -11.65 16.55 -7.84
C ALA B 238 -12.02 17.99 -8.25
N GLY B 239 -11.12 18.93 -7.96
CA GLY B 239 -11.29 20.28 -8.34
C GLY B 239 -11.59 21.29 -7.26
N ALA B 240 -11.62 20.85 -5.99
CA ALA B 240 -11.87 21.76 -4.87
C ALA B 240 -10.83 22.88 -4.98
N ARG B 241 -11.12 24.06 -4.44
CA ARG B 241 -10.23 25.20 -4.58
C ARG B 241 -9.71 25.78 -3.27
N ASN B 242 -10.31 25.40 -2.15
CA ASN B 242 -9.90 25.97 -0.88
C ASN B 242 -9.85 24.82 0.11
N VAL B 243 -8.85 23.95 -0.05
CA VAL B 243 -8.66 22.77 0.83
C VAL B 243 -7.91 23.13 2.12
N ILE B 244 -8.52 22.82 3.25
CA ILE B 244 -7.89 23.07 4.53
C ILE B 244 -7.53 21.75 5.20
N ASP B 245 -6.22 21.52 5.43
CA ASP B 245 -5.79 20.29 6.08
C ASP B 245 -5.76 20.45 7.59
N CYS B 246 -6.51 19.62 8.28
CA CYS B 246 -6.63 19.75 9.73
C CYS B 246 -5.65 18.89 10.56
N ARG B 247 -4.93 17.97 9.93
CA ARG B 247 -4.03 17.16 10.69
C ARG B 247 -4.81 16.46 11.78
N GLY B 248 -5.76 15.62 11.39
CA GLY B 248 -6.60 14.94 12.37
C GLY B 248 -8.07 15.16 12.11
N ALA B 249 -8.90 14.29 12.67
CA ALA B 249 -10.35 14.43 12.52
C ALA B 249 -11.09 14.87 13.79
N SER B 250 -10.34 15.22 14.82
CA SER B 250 -10.97 15.52 16.12
C SER B 250 -11.52 16.95 16.15
N ALA B 251 -12.30 17.25 17.18
CA ALA B 251 -12.85 18.58 17.38
C ALA B 251 -11.73 19.59 17.52
N ALA B 252 -10.77 19.29 18.39
CA ALA B 252 -9.67 20.20 18.68
C ALA B 252 -8.95 20.61 17.38
N ALA B 253 -8.68 19.61 16.52
CA ALA B 253 -7.99 19.83 15.25
C ALA B 253 -8.79 20.73 14.32
N LEU B 254 -10.11 20.53 14.26
CA LEU B 254 -10.94 21.34 13.41
C LEU B 254 -10.99 22.78 13.93
N LEU B 255 -11.12 22.96 15.25
CA LEU B 255 -11.18 24.32 15.81
C LEU B 255 -9.89 25.06 15.47
N ALA B 256 -8.78 24.35 15.58
CA ALA B 256 -7.49 24.93 15.30
C ALA B 256 -7.39 25.32 13.84
N ALA B 257 -7.94 24.49 12.97
CA ALA B 257 -7.89 24.80 11.53
C ALA B 257 -8.70 26.05 11.22
N LEU B 258 -9.76 26.25 11.99
CA LEU B 258 -10.65 27.39 11.81
C LEU B 258 -10.02 28.65 12.33
N ARG B 259 -9.53 28.57 13.57
CA ARG B 259 -8.96 29.72 14.26
C ARG B 259 -7.85 30.45 13.49
N ASP B 260 -7.21 29.77 12.55
CA ASP B 260 -6.17 30.44 11.81
C ASP B 260 -6.55 30.51 10.36
N GLN B 261 -7.85 30.61 10.10
CA GLN B 261 -8.36 30.78 8.74
C GLN B 261 -9.01 32.17 8.58
N PRO B 262 -8.80 32.84 7.43
CA PRO B 262 -9.42 34.16 7.21
C PRO B 262 -10.92 34.14 7.30
N GLN B 263 -11.50 35.28 7.67
CA GLN B 263 -12.95 35.41 7.81
C GLN B 263 -13.67 34.89 6.58
N PRO B 264 -14.76 34.13 6.77
CA PRO B 264 -15.51 33.53 5.67
C PRO B 264 -15.92 34.51 4.58
N ALA B 265 -15.44 34.30 3.36
CA ALA B 265 -15.79 35.14 2.22
C ALA B 265 -17.28 34.99 1.87
N VAL B 266 -17.96 36.10 1.54
CA VAL B 266 -19.37 35.99 1.19
C VAL B 266 -19.49 35.09 -0.05
N LYS B 267 -20.41 34.12 0.01
CA LYS B 267 -20.67 33.20 -1.09
C LYS B 267 -20.62 33.94 -2.41
N ALA B 268 -19.97 33.35 -3.41
CA ALA B 268 -19.88 33.94 -4.75
C ALA B 268 -20.99 33.51 -5.72
N TYR B 269 -21.19 32.21 -5.91
CA TYR B 269 -22.23 31.72 -6.81
C TYR B 269 -23.66 32.23 -6.47
#